data_3CUP
#
_entry.id   3CUP
#
_cell.length_a   55.832
_cell.length_b   55.832
_cell.length_c   338.834
_cell.angle_alpha   90.000
_cell.angle_beta   90.000
_cell.angle_gamma   90.000
#
_symmetry.space_group_name_H-M   'P 43 21 2'
#
loop_
_entity.id
_entity.type
_entity.pdbx_description
1 polymer 'H-2 class II histocompatibility antigen, A-D alpha chain'
2 polymer 'MHC class II H2-IA-beta chain linked to GAD221-235 peptide'
3 non-polymer 2-acetamido-2-deoxy-beta-D-glucopyranose
4 non-polymer '4-(2-HYDROXYETHYL)-1-PIPERAZINE ETHANESULFONIC ACID'
#
loop_
_entity_poly.entity_id
_entity_poly.type
_entity_poly.pdbx_seq_one_letter_code
_entity_poly.pdbx_strand_id
1 'polypeptide(L)'
;EDDIEADHVGFYGTTVYQSPGDIGQYTHEFDGDELFYVDLDKKKTVWRLPEFGQLILFEPQGGLQNIAAEKHNLGILTKR
SNFTPATNEAPQATVFPKSPVLLGQPNTLICFVDNIFPPVINITWLRNSKSVTDGVYETSFLVNRDHSFHKLSYLTFIPS
DDDIYDCKVEHWGLEEPVLKHWSSADLVPR
;
A
2 'polypeptide(L)'
;GSHSRGLKKMREIIGWPGGSGGSGSGSGDSERHFVHQFKGECYFTNGTQRIRLVTRYIYNREEYLRFDSDVGEYRAVTEL
GRHSAEYYNKQYLERTRAELDTACRHNYEETEVPTSLRRLEQPNVAISLSRTEALNHHNTLVCSVTDFYPAKIKVRWFRN
GQEETVGVSSTQLIRNGDWTFQVLVMLEMTPHQGEVYTCHVEHPSLKSPITVEWSSADLVPR
;
B
#
loop_
_chem_comp.id
_chem_comp.type
_chem_comp.name
_chem_comp.formula
EPE non-polymer '4-(2-HYDROXYETHYL)-1-PIPERAZINE ETHANESULFONIC ACID' 'C8 H18 N2 O4 S'
NAG D-saccharide, beta linking 2-acetamido-2-deoxy-beta-D-glucopyranose 'C8 H15 N O6'
#
# COMPACT_ATOMS: atom_id res chain seq x y z
N ILE A 4 -3.38 -12.76 11.19
CA ILE A 4 -4.24 -11.83 11.91
C ILE A 4 -5.46 -11.41 11.07
N GLU A 5 -6.63 -11.88 11.46
CA GLU A 5 -7.85 -11.72 10.66
C GLU A 5 -8.74 -10.56 11.09
N ALA A 6 -9.51 -10.04 10.12
CA ALA A 6 -10.46 -8.95 10.37
C ALA A 6 -11.35 -8.72 9.14
N ASP A 7 -12.10 -7.62 9.16
CA ASP A 7 -12.96 -7.27 8.02
C ASP A 7 -12.31 -6.20 7.14
N HIS A 8 -11.79 -5.16 7.80
CA HIS A 8 -11.14 -4.06 7.11
C HIS A 8 -9.96 -3.57 7.93
N VAL A 9 -8.88 -3.19 7.25
CA VAL A 9 -7.68 -2.72 7.94
C VAL A 9 -7.21 -1.36 7.45
N GLY A 10 -7.31 -0.36 8.31
CA GLY A 10 -6.84 0.97 7.97
C GLY A 10 -5.47 1.24 8.57
N PHE A 11 -4.55 1.73 7.74
CA PHE A 11 -3.26 2.17 8.22
C PHE A 11 -3.25 3.69 8.35
N TYR A 12 -3.10 4.17 9.58
CA TYR A 12 -3.04 5.60 9.83
C TYR A 12 -1.72 5.95 10.51
N GLY A 13 -1.23 7.16 10.26
CA GLY A 13 0.00 7.62 10.86
C GLY A 13 1.23 6.86 10.41
N THR A 14 1.10 6.09 9.33
CA THR A 14 2.21 5.32 8.79
C THR A 14 3.33 6.23 8.28
N THR A 15 4.43 6.28 9.03
CA THR A 15 5.52 7.19 8.75
C THR A 15 6.82 6.44 8.45
N VAL A 16 7.67 7.04 7.62
CA VAL A 16 8.95 6.45 7.28
C VAL A 16 10.00 7.52 7.03
N TYR A 17 10.95 7.64 7.96
CA TYR A 17 12.05 8.59 7.82
C TYR A 17 13.32 7.80 7.59
N GLN A 18 14.30 8.42 6.94
CA GLN A 18 15.58 7.76 6.70
C GLN A 18 16.66 8.75 6.33
N SER A 19 17.92 8.36 6.57
CA SER A 19 19.04 9.25 6.35
C SER A 19 20.24 8.48 5.80
N PRO A 20 21.15 9.18 5.11
CA PRO A 20 21.14 10.64 4.95
C PRO A 20 20.04 11.15 4.02
N GLY A 21 20.00 12.46 3.81
CA GLY A 21 19.07 13.06 2.89
C GLY A 21 17.80 13.55 3.55
N ASP A 22 17.56 13.13 4.78
CA ASP A 22 16.33 13.48 5.49
C ASP A 22 15.09 13.10 4.68
N ILE A 23 15.04 11.85 4.26
CA ILE A 23 13.99 11.35 3.39
C ILE A 23 12.78 10.82 4.18
N GLY A 24 11.69 11.59 4.17
CA GLY A 24 10.50 11.20 4.90
C GLY A 24 9.31 10.93 4.01
N GLN A 25 8.39 10.09 4.51
CA GLN A 25 7.17 9.76 3.79
C GLN A 25 6.06 9.42 4.76
N TYR A 26 4.93 10.09 4.62
CA TYR A 26 3.77 9.84 5.47
C TYR A 26 2.54 9.50 4.63
N THR A 27 1.86 8.40 4.97
CA THR A 27 0.71 7.97 4.19
C THR A 27 -0.41 7.34 5.03
N HIS A 28 -1.57 7.19 4.41
CA HIS A 28 -2.69 6.46 5.00
C HIS A 28 -3.18 5.43 4.01
N GLU A 29 -3.77 4.35 4.50
CA GLU A 29 -4.27 3.30 3.62
C GLU A 29 -5.56 2.72 4.16
N PHE A 30 -6.24 1.91 3.35
CA PHE A 30 -7.44 1.24 3.78
C PHE A 30 -7.65 -0.03 2.95
N ASP A 31 -7.61 -1.17 3.62
CA ASP A 31 -7.69 -2.46 2.94
C ASP A 31 -6.68 -2.54 1.80
N GLY A 32 -5.51 -1.94 2.03
CA GLY A 32 -4.41 -2.04 1.10
C GLY A 32 -4.17 -0.80 0.27
N ASP A 33 -5.26 -0.18 -0.18
CA ASP A 33 -5.19 0.93 -1.11
C ASP A 33 -4.88 2.26 -0.41
N GLU A 34 -4.00 3.05 -1.00
CA GLU A 34 -3.52 4.29 -0.39
C GLU A 34 -4.54 5.42 -0.46
N LEU A 35 -4.93 5.93 0.71
CA LEU A 35 -5.85 7.06 0.78
C LEU A 35 -5.22 8.33 0.24
N PHE A 36 -4.02 8.62 0.74
CA PHE A 36 -3.32 9.85 0.40
C PHE A 36 -1.93 9.79 1.00
N TYR A 37 -1.03 10.60 0.46
CA TYR A 37 0.24 10.83 1.12
C TYR A 37 0.31 12.32 1.44
N VAL A 38 1.29 12.70 2.26
CA VAL A 38 1.47 14.11 2.55
C VAL A 38 2.75 14.61 1.91
N ASP A 39 2.60 15.58 1.02
CA ASP A 39 3.76 16.24 0.43
C ASP A 39 4.42 17.07 1.51
N LEU A 40 5.60 16.61 1.95
CA LEU A 40 6.27 17.22 3.09
C LEU A 40 6.91 18.56 2.71
N ASP A 41 7.43 18.64 1.49
CA ASP A 41 8.04 19.86 0.98
C ASP A 41 7.02 20.98 0.85
N LYS A 42 5.80 20.63 0.51
CA LYS A 42 4.76 21.61 0.25
C LYS A 42 3.68 21.59 1.32
N LYS A 43 3.89 20.79 2.36
CA LYS A 43 2.92 20.63 3.44
C LYS A 43 1.50 20.58 2.90
N LYS A 44 1.15 19.46 2.28
CA LYS A 44 -0.14 19.34 1.61
C LYS A 44 -0.59 17.88 1.51
N THR A 45 -1.87 17.63 1.79
CA THR A 45 -2.42 16.30 1.62
C THR A 45 -2.77 16.04 0.17
N VAL A 46 -2.29 14.92 -0.36
CA VAL A 46 -2.54 14.56 -1.75
C VAL A 46 -3.24 13.21 -1.84
N TRP A 47 -4.55 13.24 -2.04
CA TRP A 47 -5.36 12.03 -2.08
C TRP A 47 -5.16 11.25 -3.36
N ARG A 48 -5.04 9.93 -3.24
CA ARG A 48 -4.94 9.06 -4.40
C ARG A 48 -6.19 9.21 -5.26
N LEU A 49 -7.35 9.26 -4.60
CA LEU A 49 -8.63 9.49 -5.26
C LEU A 49 -9.21 10.86 -4.87
N PRO A 50 -9.16 11.82 -5.81
CA PRO A 50 -9.58 13.21 -5.58
C PRO A 50 -10.97 13.31 -4.95
N GLU A 51 -11.89 12.44 -5.33
CA GLU A 51 -13.25 12.47 -4.78
C GLU A 51 -13.22 12.50 -3.24
N PHE A 52 -12.28 11.74 -2.67
CA PHE A 52 -12.11 11.67 -1.22
C PHE A 52 -11.63 13.00 -0.67
N GLY A 53 -10.74 13.67 -1.39
CA GLY A 53 -10.20 14.94 -0.97
C GLY A 53 -11.23 16.06 -0.96
N GLN A 54 -12.37 15.79 -1.59
CA GLN A 54 -13.46 16.75 -1.65
C GLN A 54 -14.52 16.41 -0.61
N LEU A 55 -14.45 15.20 -0.09
CA LEU A 55 -15.40 14.72 0.91
C LEU A 55 -14.81 14.83 2.31
N ILE A 56 -13.60 14.32 2.49
CA ILE A 56 -12.93 14.39 3.78
C ILE A 56 -11.61 15.15 3.73
N LEU A 57 -11.11 15.50 4.90
CA LEU A 57 -9.91 16.31 5.02
C LEU A 57 -8.95 15.69 6.03
N PHE A 58 -7.66 15.79 5.75
CA PHE A 58 -6.64 15.38 6.70
C PHE A 58 -5.64 16.52 6.90
N GLU A 59 -5.65 17.11 8.10
CA GLU A 59 -4.69 18.16 8.43
C GLU A 59 -3.27 17.62 8.26
N PRO A 60 -2.53 18.19 7.28
CA PRO A 60 -1.18 17.72 6.96
C PRO A 60 -0.23 17.81 8.15
N GLN A 61 -0.53 18.70 9.10
CA GLN A 61 0.33 18.89 10.26
C GLN A 61 0.40 17.63 11.10
N GLY A 62 -0.73 16.95 11.25
CA GLY A 62 -0.79 15.71 11.99
C GLY A 62 0.15 14.66 11.43
N GLY A 63 0.54 14.83 10.17
CA GLY A 63 1.48 13.93 9.55
C GLY A 63 2.88 14.44 9.70
N LEU A 64 3.02 15.76 9.66
CA LEU A 64 4.33 16.41 9.80
C LEU A 64 4.92 16.19 11.20
N GLN A 65 4.06 15.91 12.17
CA GLN A 65 4.50 15.64 13.53
C GLN A 65 5.10 14.26 13.65
N ASN A 66 4.45 13.28 13.04
CA ASN A 66 4.97 11.92 13.05
C ASN A 66 6.32 11.86 12.35
N ILE A 67 6.50 12.69 11.34
CA ILE A 67 7.80 12.84 10.70
C ILE A 67 8.82 13.37 11.69
N ALA A 68 8.45 14.45 12.38
CA ALA A 68 9.30 15.03 13.40
C ALA A 68 9.64 13.99 14.45
N ALA A 69 8.64 13.21 14.84
CA ALA A 69 8.82 12.17 15.84
C ALA A 69 9.72 11.06 15.30
N GLU A 70 9.49 10.68 14.06
CA GLU A 70 10.24 9.60 13.45
C GLU A 70 11.67 10.01 13.10
N LYS A 71 11.85 11.27 12.74
CA LYS A 71 13.18 11.79 12.49
C LYS A 71 13.97 11.67 13.78
N HIS A 72 13.32 12.05 14.87
CA HIS A 72 13.89 11.97 16.20
C HIS A 72 14.23 10.53 16.59
N ASN A 73 13.25 9.65 16.50
CA ASN A 73 13.43 8.24 16.81
C ASN A 73 14.55 7.59 16.01
N LEU A 74 14.74 8.05 14.77
CA LEU A 74 15.76 7.49 13.91
C LEU A 74 17.16 7.67 14.51
N GLY A 75 17.51 8.90 14.85
CA GLY A 75 18.81 9.19 15.42
C GLY A 75 19.03 8.43 16.71
N ILE A 76 17.95 8.25 17.46
CA ILE A 76 17.99 7.54 18.72
C ILE A 76 18.30 6.06 18.53
N LEU A 77 17.49 5.38 17.73
CA LEU A 77 17.66 3.96 17.49
C LEU A 77 18.94 3.65 16.73
N THR A 78 19.36 4.58 15.87
CA THR A 78 20.59 4.40 15.11
C THR A 78 21.77 4.19 16.05
N LYS A 79 21.93 5.08 17.03
CA LYS A 79 23.00 4.98 18.01
C LYS A 79 22.84 3.74 18.88
N ARG A 80 21.64 3.55 19.43
CA ARG A 80 21.33 2.40 20.26
C ARG A 80 21.65 1.08 19.56
N SER A 81 21.39 1.03 18.26
CA SER A 81 21.62 -0.19 17.49
C SER A 81 23.09 -0.40 17.23
N ASN A 82 23.90 0.57 17.65
CA ASN A 82 25.34 0.58 17.37
C ASN A 82 25.57 0.84 15.88
N PHE A 83 24.91 1.87 15.37
CA PHE A 83 25.01 2.28 13.98
C PHE A 83 24.88 1.12 13.00
N THR A 84 23.84 0.31 13.21
CA THR A 84 23.55 -0.80 12.32
C THR A 84 22.85 -0.32 11.06
N PRO A 85 23.57 -0.31 9.93
CA PRO A 85 23.01 0.16 8.67
C PRO A 85 21.88 -0.75 8.20
N ALA A 86 20.99 -0.22 7.37
CA ALA A 86 19.94 -1.04 6.79
C ALA A 86 20.53 -1.92 5.70
N THR A 87 20.03 -3.15 5.60
CA THR A 87 20.50 -4.04 4.54
C THR A 87 19.65 -3.83 3.29
N ASN A 88 20.31 -3.90 2.14
CA ASN A 88 19.65 -3.64 0.86
C ASN A 88 19.05 -4.90 0.24
N GLU A 89 17.73 -4.98 0.26
CA GLU A 89 17.03 -6.12 -0.31
C GLU A 89 16.76 -5.92 -1.80
N ALA A 90 16.71 -7.02 -2.54
CA ALA A 90 16.44 -6.98 -3.97
C ALA A 90 14.94 -6.95 -4.27
N PRO A 91 14.52 -6.02 -5.15
CA PRO A 91 13.11 -5.86 -5.53
C PRO A 91 12.68 -6.91 -6.55
N GLN A 92 11.37 -7.12 -6.64
CA GLN A 92 10.80 -8.10 -7.57
C GLN A 92 9.75 -7.42 -8.44
N ALA A 93 10.10 -7.19 -9.70
CA ALA A 93 9.20 -6.48 -10.62
C ALA A 93 8.21 -7.41 -11.31
N THR A 94 7.09 -6.83 -11.74
CA THR A 94 6.07 -7.58 -12.46
C THR A 94 5.27 -6.62 -13.33
N VAL A 95 5.17 -6.93 -14.61
CA VAL A 95 4.43 -6.08 -15.54
C VAL A 95 3.16 -6.75 -16.04
N PHE A 96 2.08 -5.97 -16.06
CA PHE A 96 0.78 -6.47 -16.48
C PHE A 96 -0.15 -5.29 -16.76
N PRO A 97 -0.96 -5.40 -17.83
CA PRO A 97 -1.88 -4.33 -18.26
C PRO A 97 -3.04 -4.17 -17.29
N LYS A 98 -3.49 -2.93 -17.11
CA LYS A 98 -4.57 -2.64 -16.17
C LYS A 98 -5.90 -3.27 -16.62
N SER A 99 -6.13 -3.26 -17.92
CA SER A 99 -7.34 -3.83 -18.50
C SER A 99 -6.98 -4.65 -19.74
N PRO A 100 -7.91 -5.51 -20.18
CA PRO A 100 -7.65 -6.41 -21.32
C PRO A 100 -7.07 -5.66 -22.51
N VAL A 101 -6.00 -6.19 -23.09
CA VAL A 101 -5.30 -5.55 -24.19
C VAL A 101 -6.14 -5.49 -25.47
N LEU A 102 -6.19 -4.30 -26.08
CA LEU A 102 -6.89 -4.10 -27.35
C LEU A 102 -6.10 -3.19 -28.25
N LEU A 103 -5.66 -3.71 -29.38
CA LEU A 103 -4.83 -2.96 -30.33
C LEU A 103 -5.45 -1.63 -30.73
N GLY A 104 -4.71 -0.55 -30.49
CA GLY A 104 -5.14 0.78 -30.86
C GLY A 104 -5.84 1.53 -29.74
N GLN A 105 -6.32 0.82 -28.73
CA GLN A 105 -7.11 1.44 -27.66
C GLN A 105 -6.28 1.74 -26.41
N PRO A 106 -6.45 2.96 -25.86
CA PRO A 106 -5.75 3.44 -24.67
C PRO A 106 -5.81 2.44 -23.52
N ASN A 107 -4.68 2.26 -22.85
CA ASN A 107 -4.58 1.34 -21.72
C ASN A 107 -3.52 1.84 -20.76
N THR A 108 -3.37 1.16 -19.63
CA THR A 108 -2.31 1.47 -18.69
C THR A 108 -1.47 0.24 -18.40
N LEU A 109 -0.17 0.39 -18.53
CA LEU A 109 0.74 -0.71 -18.22
C LEU A 109 1.25 -0.55 -16.79
N ILE A 110 1.12 -1.60 -15.99
CA ILE A 110 1.44 -1.51 -14.58
C ILE A 110 2.70 -2.28 -14.23
N CYS A 111 3.61 -1.62 -13.51
CA CYS A 111 4.80 -2.29 -13.01
C CYS A 111 4.75 -2.39 -11.49
N PHE A 112 4.39 -3.58 -11.00
CA PHE A 112 4.34 -3.84 -9.58
C PHE A 112 5.74 -4.22 -9.09
N VAL A 113 6.23 -3.51 -8.09
CA VAL A 113 7.53 -3.82 -7.52
C VAL A 113 7.38 -4.17 -6.05
N ASP A 114 8.02 -5.26 -5.64
CA ASP A 114 7.89 -5.74 -4.26
C ASP A 114 9.25 -5.92 -3.60
N ASN A 115 9.25 -6.04 -2.28
CA ASN A 115 10.46 -6.24 -1.51
C ASN A 115 11.44 -5.08 -1.61
N ILE A 116 10.92 -3.86 -1.55
CA ILE A 116 11.74 -2.66 -1.63
C ILE A 116 12.20 -2.24 -0.25
N PHE A 117 13.51 -2.20 -0.05
CA PHE A 117 14.06 -1.67 1.21
C PHE A 117 15.57 -1.43 1.10
N PRO A 118 16.00 -0.20 1.46
CA PRO A 118 15.19 0.89 1.97
C PRO A 118 14.21 1.45 0.93
N PRO A 119 13.32 2.34 1.36
CA PRO A 119 12.36 3.02 0.47
C PRO A 119 13.03 4.05 -0.42
N VAL A 120 14.00 3.61 -1.21
CA VAL A 120 14.66 4.47 -2.19
C VAL A 120 14.89 3.67 -3.46
N ILE A 121 14.26 4.09 -4.56
CA ILE A 121 14.25 3.30 -5.80
C ILE A 121 14.08 4.17 -7.04
N ASN A 122 14.34 3.57 -8.21
CA ASN A 122 14.15 4.24 -9.49
C ASN A 122 13.46 3.37 -10.52
N ILE A 123 12.14 3.40 -10.54
CA ILE A 123 11.37 2.64 -11.51
C ILE A 123 11.12 3.44 -12.79
N THR A 124 11.83 3.07 -13.85
CA THR A 124 11.75 3.80 -15.12
C THR A 124 11.22 2.90 -16.25
N TRP A 125 10.61 3.52 -17.25
CA TRP A 125 9.98 2.79 -18.35
C TRP A 125 10.75 2.88 -19.67
N LEU A 126 10.70 1.80 -20.45
CA LEU A 126 11.37 1.75 -21.74
C LEU A 126 10.46 1.25 -22.85
N ARG A 127 10.34 2.04 -23.92
CA ARG A 127 9.63 1.60 -25.12
C ARG A 127 10.65 1.33 -26.21
N ASN A 128 10.81 0.06 -26.57
CA ASN A 128 11.79 -0.33 -27.57
C ASN A 128 13.17 0.19 -27.19
N SER A 129 13.57 -0.05 -25.95
CA SER A 129 14.87 0.39 -25.45
C SER A 129 15.03 1.91 -25.49
N LYS A 130 13.93 2.63 -25.26
CA LYS A 130 13.98 4.09 -25.22
C LYS A 130 13.29 4.60 -23.97
N SER A 131 14.00 5.43 -23.21
CA SER A 131 13.46 6.03 -22.01
C SER A 131 12.11 6.71 -22.26
N VAL A 132 11.11 6.37 -21.46
CA VAL A 132 9.80 7.00 -21.56
C VAL A 132 9.49 7.79 -20.30
N THR A 133 9.38 9.10 -20.43
CA THR A 133 9.19 9.99 -19.29
C THR A 133 7.73 10.37 -19.07
N ASP A 134 7.07 10.78 -20.15
CA ASP A 134 5.71 11.29 -20.06
C ASP A 134 4.67 10.19 -19.94
N GLY A 135 3.59 10.47 -19.22
CA GLY A 135 2.55 9.50 -18.98
C GLY A 135 2.94 8.44 -17.97
N VAL A 136 3.96 8.76 -17.17
CA VAL A 136 4.44 7.83 -16.15
C VAL A 136 4.01 8.29 -14.75
N TYR A 137 3.46 7.37 -13.96
CA TYR A 137 2.93 7.70 -12.66
C TYR A 137 3.24 6.63 -11.62
N GLU A 138 3.62 7.05 -10.42
CA GLU A 138 3.98 6.13 -9.36
C GLU A 138 3.05 6.24 -8.16
N THR A 139 3.02 5.20 -7.35
CA THR A 139 2.35 5.25 -6.05
C THR A 139 3.39 5.62 -5.01
N SER A 140 2.95 5.89 -3.79
CA SER A 140 3.87 6.05 -2.68
C SER A 140 4.55 4.71 -2.45
N PHE A 141 5.39 4.65 -1.43
CA PHE A 141 5.93 3.36 -1.00
C PHE A 141 4.91 2.73 -0.07
N LEU A 142 4.35 1.60 -0.48
CA LEU A 142 3.33 0.94 0.32
C LEU A 142 3.94 -0.13 1.21
N VAL A 143 3.56 -0.09 2.49
CA VAL A 143 4.18 -0.93 3.50
C VAL A 143 3.81 -2.41 3.38
N ASN A 144 4.74 -3.27 3.76
CA ASN A 144 4.48 -4.71 3.88
C ASN A 144 4.64 -5.16 5.33
N ARG A 145 4.13 -6.34 5.63
CA ARG A 145 4.36 -6.93 6.94
C ARG A 145 5.84 -7.20 7.13
N ASP A 146 6.54 -7.42 6.03
CA ASP A 146 7.99 -7.57 6.06
C ASP A 146 8.63 -6.33 6.63
N HIS A 147 7.84 -5.27 6.72
CA HIS A 147 8.38 -3.94 7.03
C HIS A 147 9.34 -3.57 5.92
N SER A 148 9.10 -4.17 4.76
CA SER A 148 9.69 -3.75 3.50
C SER A 148 8.61 -2.94 2.80
N PHE A 149 8.82 -2.66 1.53
CA PHE A 149 7.88 -1.83 0.78
C PHE A 149 7.62 -2.34 -0.62
N HIS A 150 6.42 -2.07 -1.13
CA HIS A 150 6.14 -2.31 -2.54
C HIS A 150 5.66 -1.03 -3.20
N LYS A 151 5.89 -0.91 -4.50
CA LYS A 151 5.57 0.30 -5.24
C LYS A 151 5.04 -0.04 -6.63
N LEU A 152 4.17 0.80 -7.15
CA LEU A 152 3.56 0.55 -8.45
C LEU A 152 3.80 1.71 -9.41
N SER A 153 4.25 1.39 -10.62
CA SER A 153 4.42 2.39 -11.66
C SER A 153 3.39 2.16 -12.77
N TYR A 154 2.87 3.26 -13.30
CA TYR A 154 1.84 3.19 -14.33
C TYR A 154 2.30 3.89 -15.61
N LEU A 155 2.16 3.19 -16.74
CA LEU A 155 2.48 3.76 -18.04
C LEU A 155 1.27 3.78 -18.95
N THR A 156 0.79 4.98 -19.28
CA THR A 156 -0.28 5.11 -20.26
C THR A 156 0.29 4.84 -21.65
N PHE A 157 -0.39 3.99 -22.42
CA PHE A 157 0.14 3.56 -23.71
C PHE A 157 -0.92 3.00 -24.66
N ILE A 158 -0.57 2.91 -25.93
CA ILE A 158 -1.44 2.28 -26.92
C ILE A 158 -0.90 0.90 -27.30
N PRO A 159 -1.67 -0.15 -26.98
CA PRO A 159 -1.24 -1.51 -27.30
C PRO A 159 -1.01 -1.69 -28.80
N SER A 160 0.19 -2.13 -29.16
CA SER A 160 0.48 -2.52 -30.52
C SER A 160 1.49 -3.66 -30.47
N ASP A 161 1.42 -4.57 -31.44
CA ASP A 161 2.25 -5.76 -31.41
C ASP A 161 3.72 -5.45 -31.67
N ASP A 162 3.99 -4.39 -32.43
CA ASP A 162 5.36 -4.03 -32.77
C ASP A 162 6.03 -3.10 -31.75
N ASP A 163 5.54 -3.14 -30.52
CA ASP A 163 6.16 -2.38 -29.42
C ASP A 163 6.63 -3.32 -28.32
N ILE A 164 7.89 -3.15 -27.91
CA ILE A 164 8.45 -3.93 -26.82
C ILE A 164 8.66 -3.04 -25.58
N TYR A 165 8.03 -3.43 -24.48
CA TYR A 165 8.14 -2.63 -23.25
C TYR A 165 9.01 -3.30 -22.20
N ASP A 166 9.65 -2.47 -21.38
CA ASP A 166 10.51 -2.94 -20.31
C ASP A 166 10.34 -2.07 -19.07
N CYS A 167 10.27 -2.70 -17.91
CA CYS A 167 10.25 -2.00 -16.64
C CYS A 167 11.62 -2.08 -15.98
N LYS A 168 12.31 -0.95 -15.90
CA LYS A 168 13.66 -0.93 -15.37
C LYS A 168 13.71 -0.49 -13.91
N VAL A 169 14.25 -1.35 -13.05
CA VAL A 169 14.31 -1.06 -11.62
C VAL A 169 15.75 -0.91 -11.12
N GLU A 170 16.05 0.26 -10.56
CA GLU A 170 17.37 0.54 -10.03
C GLU A 170 17.34 0.69 -8.52
N HIS A 171 18.05 -0.19 -7.83
CA HIS A 171 18.07 -0.15 -6.37
C HIS A 171 19.48 -0.45 -5.88
N TRP A 172 19.78 -0.05 -4.66
CA TRP A 172 21.11 -0.26 -4.08
C TRP A 172 21.37 -1.74 -3.84
N GLY A 173 20.30 -2.53 -3.75
CA GLY A 173 20.42 -3.95 -3.52
C GLY A 173 20.66 -4.72 -4.81
N LEU A 174 21.01 -4.01 -5.87
CA LEU A 174 21.20 -4.63 -7.18
C LEU A 174 22.49 -4.18 -7.86
N GLU A 175 23.30 -5.15 -8.28
CA GLU A 175 24.49 -4.86 -9.07
C GLU A 175 24.07 -4.60 -10.51
N GLU A 176 22.93 -5.17 -10.90
CA GLU A 176 22.37 -4.93 -12.21
C GLU A 176 20.85 -4.75 -12.12
N PRO A 177 20.33 -3.73 -12.82
CA PRO A 177 18.91 -3.36 -12.79
C PRO A 177 18.00 -4.48 -13.27
N VAL A 178 16.80 -4.54 -12.72
CA VAL A 178 15.79 -5.50 -13.18
C VAL A 178 15.20 -4.96 -14.48
N LEU A 179 14.80 -5.86 -15.37
CA LEU A 179 14.23 -5.45 -16.65
C LEU A 179 13.06 -6.34 -17.05
N LYS A 180 11.92 -6.12 -16.41
CA LYS A 180 10.72 -6.90 -16.74
C LYS A 180 10.20 -6.59 -18.14
N HIS A 181 10.36 -7.56 -19.03
CA HIS A 181 9.93 -7.43 -20.41
C HIS A 181 8.43 -7.66 -20.57
N TRP A 182 7.79 -6.83 -21.40
CA TRP A 182 6.38 -7.01 -21.72
C TRP A 182 6.06 -6.55 -23.15
N SER A 183 5.20 -7.29 -23.84
CA SER A 183 4.81 -6.95 -25.20
C SER A 183 3.48 -7.58 -25.59
N SER A 184 2.79 -6.95 -26.54
CA SER A 184 1.55 -7.49 -27.09
C SER A 184 1.85 -8.67 -28.00
N ALA A 185 1.94 -9.86 -27.40
CA ALA A 185 2.25 -11.08 -28.13
C ALA A 185 2.37 -12.25 -27.16
N LYS B 8 -16.03 16.10 8.64
CA LYS B 8 -15.25 15.53 7.56
C LYS B 8 -13.75 15.62 7.84
N LYS B 9 -13.31 15.06 8.96
CA LYS B 9 -11.90 15.11 9.34
C LYS B 9 -11.29 13.75 9.69
N MET B 10 -10.39 13.29 8.83
CA MET B 10 -9.61 12.10 9.13
C MET B 10 -8.49 12.45 10.08
N ARG B 11 -8.34 11.67 11.15
CA ARG B 11 -7.29 11.89 12.13
C ARG B 11 -6.15 10.90 11.98
N GLU B 12 -5.01 11.23 12.59
CA GLU B 12 -3.80 10.43 12.46
C GLU B 12 -3.49 9.69 13.75
N ILE B 13 -2.78 8.58 13.63
CA ILE B 13 -2.28 7.86 14.81
C ILE B 13 -0.88 8.34 15.12
N ILE B 14 -0.71 8.93 16.29
CA ILE B 14 0.55 9.57 16.66
C ILE B 14 1.69 8.58 16.89
N GLY B 15 2.77 8.75 16.15
CA GLY B 15 4.02 8.07 16.43
C GLY B 15 4.77 8.93 17.41
N TRP B 16 4.98 8.41 18.62
CA TRP B 16 5.57 9.19 19.71
C TRP B 16 7.09 9.16 19.68
N PRO B 17 7.72 10.25 20.14
CA PRO B 17 9.18 10.36 20.23
C PRO B 17 9.70 9.54 21.41
N GLY B 18 10.84 8.90 21.26
CA GLY B 18 11.41 8.11 22.33
C GLY B 18 12.53 8.84 23.06
N GLY B 19 13.07 8.20 24.09
CA GLY B 19 14.22 8.72 24.81
C GLY B 19 15.42 7.84 24.55
N SER B 20 16.59 8.21 25.07
CA SER B 20 17.79 7.43 24.83
C SER B 20 18.54 7.10 26.11
N GLY B 21 19.84 6.85 25.97
CA GLY B 21 20.69 6.52 27.11
C GLY B 21 21.39 5.18 26.96
N GLY B 22 22.02 4.74 28.03
CA GLY B 22 22.72 3.47 28.05
C GLY B 22 23.73 3.31 26.93
N GLU B 31 27.69 7.53 8.73
CA GLU B 31 27.85 7.73 7.29
C GLU B 31 26.90 6.84 6.46
N ARG B 32 26.66 5.62 6.95
CA ARG B 32 25.82 4.65 6.26
C ARG B 32 24.37 5.09 6.11
N HIS B 33 23.49 4.13 5.77
CA HIS B 33 22.08 4.42 5.57
C HIS B 33 21.20 3.71 6.58
N PHE B 34 20.34 4.47 7.26
CA PHE B 34 19.48 3.93 8.31
C PHE B 34 18.04 4.37 8.11
N VAL B 35 17.11 3.53 8.58
CA VAL B 35 15.70 3.77 8.38
C VAL B 35 14.92 3.56 9.68
N HIS B 36 13.86 4.34 9.86
CA HIS B 36 12.94 4.15 10.98
C HIS B 36 11.50 4.26 10.50
N GLN B 37 10.65 3.35 10.96
CA GLN B 37 9.26 3.35 10.55
C GLN B 37 8.30 3.31 11.73
N PHE B 38 7.16 3.97 11.56
CA PHE B 38 6.06 3.87 12.52
C PHE B 38 4.81 3.44 11.78
N LYS B 39 4.09 2.48 12.36
CA LYS B 39 2.89 1.94 11.72
C LYS B 39 1.71 1.94 12.68
N GLY B 40 0.64 2.65 12.30
CA GLY B 40 -0.61 2.61 13.03
C GLY B 40 -1.58 1.73 12.28
N GLU B 41 -2.23 0.81 12.97
CA GLU B 41 -3.06 -0.19 12.30
C GLU B 41 -4.34 -0.50 13.06
N CYS B 42 -5.47 -0.36 12.38
CA CYS B 42 -6.78 -0.68 12.97
C CYS B 42 -7.41 -1.86 12.25
N TYR B 43 -7.85 -2.85 13.03
CA TYR B 43 -8.51 -4.02 12.47
C TYR B 43 -9.97 -4.04 12.87
N PHE B 44 -10.86 -3.87 11.89
CA PHE B 44 -12.28 -3.77 12.16
C PHE B 44 -13.03 -5.07 11.83
N THR B 45 -14.03 -5.38 12.66
CA THR B 45 -14.93 -6.50 12.37
C THR B 45 -16.35 -6.10 12.77
N ASN B 46 -17.32 -6.56 11.99
CA ASN B 46 -18.72 -6.17 12.20
C ASN B 46 -18.86 -4.65 12.27
N GLY B 47 -18.18 -3.97 11.34
CA GLY B 47 -18.16 -2.53 11.35
C GLY B 47 -17.18 -2.00 12.38
N THR B 48 -17.67 -1.76 13.59
CA THR B 48 -16.84 -1.28 14.68
C THR B 48 -17.14 -2.01 16.00
N GLN B 49 -17.84 -3.14 15.89
CA GLN B 49 -18.11 -3.97 17.05
C GLN B 49 -16.79 -4.29 17.72
N ARG B 50 -15.95 -5.05 17.01
CA ARG B 50 -14.63 -5.40 17.49
C ARG B 50 -13.58 -4.56 16.77
N ILE B 51 -12.93 -3.66 17.50
CA ILE B 51 -11.87 -2.84 16.93
C ILE B 51 -10.56 -3.11 17.67
N ARG B 52 -9.49 -3.27 16.91
CA ARG B 52 -8.18 -3.57 17.48
C ARG B 52 -7.13 -2.58 16.99
N LEU B 53 -6.30 -2.08 17.91
CA LEU B 53 -5.28 -1.10 17.58
C LEU B 53 -3.87 -1.61 17.86
N VAL B 54 -3.13 -1.89 16.80
CA VAL B 54 -1.73 -2.31 16.92
C VAL B 54 -0.80 -1.20 16.47
N THR B 55 0.23 -0.95 17.26
CA THR B 55 1.20 0.10 16.97
C THR B 55 2.60 -0.48 16.90
N ARG B 56 3.38 -0.05 15.91
CA ARG B 56 4.72 -0.61 15.71
C ARG B 56 5.80 0.46 15.53
N TYR B 57 6.92 0.26 16.22
CA TYR B 57 8.09 1.10 16.05
C TYR B 57 9.23 0.24 15.51
N ILE B 58 9.78 0.65 14.38
CA ILE B 58 10.66 -0.23 13.61
C ILE B 58 11.94 0.46 13.19
N TYR B 59 13.06 -0.01 13.75
CA TYR B 59 14.36 0.40 13.24
C TYR B 59 14.69 -0.48 12.05
N ASN B 60 14.94 0.14 10.90
CA ASN B 60 15.11 -0.60 9.66
C ASN B 60 13.90 -1.49 9.42
N ARG B 61 14.12 -2.80 9.53
CA ARG B 61 13.02 -3.76 9.35
C ARG B 61 12.78 -4.56 10.63
N GLU B 62 13.25 -4.02 11.75
CA GLU B 62 13.08 -4.67 13.04
C GLU B 62 12.08 -3.93 13.92
N GLU B 63 10.91 -4.52 14.13
CA GLU B 63 9.94 -3.96 15.05
C GLU B 63 10.39 -4.23 16.48
N TYR B 64 10.73 -3.17 17.21
CA TYR B 64 11.29 -3.33 18.55
C TYR B 64 10.30 -2.98 19.65
N LEU B 65 9.32 -2.14 19.34
CA LEU B 65 8.32 -1.74 20.33
C LEU B 65 6.92 -1.84 19.75
N ARG B 66 5.94 -2.17 20.58
CA ARG B 66 4.58 -2.39 20.09
C ARG B 66 3.49 -2.12 21.12
N PHE B 67 2.49 -1.35 20.72
CA PHE B 67 1.26 -1.27 21.49
C PHE B 67 0.23 -2.22 20.89
N ASP B 68 -0.77 -2.59 21.67
CA ASP B 68 -1.75 -3.55 21.23
C ASP B 68 -3.00 -3.52 22.11
N SER B 69 -4.14 -3.15 21.52
CA SER B 69 -5.40 -3.10 22.25
C SER B 69 -5.60 -4.32 23.12
N ASP B 70 -5.41 -5.50 22.53
CA ASP B 70 -5.62 -6.76 23.22
C ASP B 70 -4.68 -6.93 24.41
N VAL B 71 -3.49 -6.36 24.30
CA VAL B 71 -2.54 -6.36 25.40
C VAL B 71 -2.83 -5.23 26.37
N GLY B 72 -3.16 -4.05 25.82
CA GLY B 72 -3.54 -2.91 26.62
C GLY B 72 -2.37 -2.01 27.01
N GLU B 73 -1.17 -2.36 26.57
CA GLU B 73 0.01 -1.60 26.94
C GLU B 73 1.17 -1.81 25.97
N TYR B 74 2.18 -0.96 26.09
CA TYR B 74 3.39 -1.10 25.29
C TYR B 74 4.22 -2.27 25.76
N ARG B 75 4.80 -3.01 24.82
CA ARG B 75 5.68 -4.12 25.16
C ARG B 75 6.88 -4.19 24.23
N ALA B 76 8.04 -4.47 24.80
CA ALA B 76 9.26 -4.63 24.02
C ALA B 76 9.13 -5.87 23.15
N VAL B 77 9.44 -5.71 21.86
CA VAL B 77 9.40 -6.81 20.92
C VAL B 77 10.78 -7.42 20.78
N THR B 78 11.80 -6.56 20.78
CA THR B 78 13.18 -7.01 20.77
C THR B 78 13.99 -6.24 21.81
N GLU B 79 15.23 -6.68 22.03
CA GLU B 79 16.12 -6.06 23.00
C GLU B 79 16.22 -4.56 22.76
N LEU B 80 16.00 -4.16 21.52
CA LEU B 80 16.16 -2.77 21.11
C LEU B 80 15.09 -1.86 21.71
N GLY B 81 13.98 -2.44 22.15
CA GLY B 81 12.91 -1.69 22.76
C GLY B 81 12.70 -2.05 24.22
N ARG B 82 13.76 -2.58 24.84
CA ARG B 82 13.68 -3.08 26.21
C ARG B 82 13.25 -2.04 27.23
N HIS B 83 14.00 -0.94 27.33
CA HIS B 83 13.67 0.12 28.26
C HIS B 83 12.65 1.07 27.65
N SER B 84 12.29 0.81 26.39
CA SER B 84 11.35 1.65 25.67
C SER B 84 9.92 1.41 26.11
N ALA B 85 9.56 0.14 26.30
CA ALA B 85 8.21 -0.20 26.75
C ALA B 85 7.82 0.56 28.02
N GLU B 86 8.67 0.48 29.03
CA GLU B 86 8.43 1.20 30.29
C GLU B 86 8.16 2.67 30.02
N TYR B 87 9.08 3.29 29.30
CA TYR B 87 9.00 4.71 28.97
C TYR B 87 7.66 5.10 28.36
N TYR B 88 7.30 4.44 27.26
CA TYR B 88 6.08 4.79 26.54
C TYR B 88 4.84 4.60 27.39
N ASN B 89 4.88 3.62 28.28
CA ASN B 89 3.79 3.41 29.21
C ASN B 89 3.66 4.60 30.16
N LYS B 90 4.77 4.94 30.81
CA LYS B 90 4.83 6.07 31.73
C LYS B 90 4.36 7.36 31.07
N GLN B 91 4.54 7.45 29.75
CA GLN B 91 4.32 8.69 29.02
C GLN B 91 3.02 8.69 28.21
N TYR B 92 2.93 7.79 27.24
CA TYR B 92 1.89 7.84 26.24
C TYR B 92 0.78 6.82 26.41
N LEU B 93 0.91 5.94 27.40
CA LEU B 93 -0.11 4.92 27.62
C LEU B 93 -1.48 5.56 27.73
N GLU B 94 -1.51 6.75 28.33
CA GLU B 94 -2.75 7.49 28.53
C GLU B 94 -3.44 7.81 27.21
N ARG B 95 -2.78 8.64 26.39
CA ARG B 95 -3.35 9.12 25.14
C ARG B 95 -3.43 8.03 24.07
N THR B 96 -2.55 7.04 24.15
CA THR B 96 -2.47 5.99 23.15
C THR B 96 -3.63 5.00 23.21
N ARG B 97 -3.94 4.51 24.41
CA ARG B 97 -5.03 3.57 24.58
C ARG B 97 -6.34 4.20 24.12
N ALA B 98 -6.45 5.51 24.26
CA ALA B 98 -7.67 6.24 23.92
C ALA B 98 -7.83 6.41 22.41
N GLU B 99 -6.77 6.15 21.66
CA GLU B 99 -6.80 6.34 20.21
C GLU B 99 -7.69 5.32 19.49
N LEU B 100 -8.16 4.32 20.21
CA LEU B 100 -9.07 3.34 19.63
C LEU B 100 -10.40 3.98 19.27
N ASP B 101 -10.67 5.14 19.88
CA ASP B 101 -11.91 5.86 19.60
C ASP B 101 -11.65 7.22 18.95
N THR B 102 -10.53 7.84 19.32
CA THR B 102 -10.18 9.15 18.76
C THR B 102 -9.62 9.04 17.34
N ALA B 103 -9.25 7.83 16.95
CA ALA B 103 -8.66 7.61 15.62
C ALA B 103 -9.32 6.46 14.86
N CYS B 104 -9.34 5.28 15.47
CA CYS B 104 -9.92 4.10 14.83
C CYS B 104 -11.43 4.21 14.67
N ARG B 105 -12.15 4.11 15.78
CA ARG B 105 -13.61 4.14 15.75
C ARG B 105 -14.12 5.41 15.08
N HIS B 106 -13.33 6.48 15.16
CA HIS B 106 -13.67 7.74 14.50
C HIS B 106 -13.57 7.61 12.99
N ASN B 107 -12.34 7.46 12.49
CA ASN B 107 -12.10 7.39 11.06
C ASN B 107 -13.06 6.46 10.31
N TYR B 108 -13.38 5.32 10.92
CA TYR B 108 -14.28 4.36 10.30
C TYR B 108 -15.68 4.96 10.10
N GLU B 109 -16.32 5.32 11.20
CA GLU B 109 -17.70 5.78 11.17
C GLU B 109 -17.88 7.14 10.50
N GLU B 110 -16.83 7.95 10.49
CA GLU B 110 -16.95 9.33 10.02
C GLU B 110 -16.37 9.59 8.63
N THR B 111 -15.20 9.03 8.33
CA THR B 111 -14.52 9.34 7.09
C THR B 111 -14.32 8.15 6.16
N GLU B 112 -14.39 6.94 6.71
CA GLU B 112 -14.14 5.73 5.92
C GLU B 112 -15.40 5.18 5.28
N VAL B 113 -16.56 5.57 5.80
CA VAL B 113 -17.84 5.14 5.25
C VAL B 113 -18.25 5.96 4.02
N PRO B 114 -18.18 7.30 4.11
CA PRO B 114 -18.53 8.16 2.97
C PRO B 114 -17.54 8.05 1.83
N THR B 115 -16.46 7.28 2.00
CA THR B 115 -15.46 7.16 0.96
C THR B 115 -15.22 5.70 0.56
N SER B 116 -14.30 5.03 1.27
CA SER B 116 -13.92 3.67 0.91
C SER B 116 -15.10 2.71 0.93
N LEU B 117 -15.77 2.61 2.07
CA LEU B 117 -16.87 1.67 2.25
C LEU B 117 -18.06 2.00 1.35
N ARG B 118 -18.02 3.18 0.73
CA ARG B 118 -19.10 3.63 -0.14
C ARG B 118 -18.70 3.47 -1.60
N ARG B 119 -17.44 3.15 -1.85
CA ARG B 119 -16.94 3.05 -3.22
C ARG B 119 -17.41 1.78 -3.93
N LEU B 120 -18.07 1.97 -5.06
CA LEU B 120 -18.56 0.85 -5.88
C LEU B 120 -18.06 1.01 -7.31
N GLU B 121 -17.34 0.00 -7.80
CA GLU B 121 -16.80 0.05 -9.15
C GLU B 121 -17.16 -1.20 -9.94
N GLN B 122 -17.91 -1.01 -11.02
CA GLN B 122 -18.40 -2.12 -11.82
C GLN B 122 -17.29 -2.73 -12.70
N PRO B 123 -17.24 -4.07 -12.73
CA PRO B 123 -16.21 -4.83 -13.43
C PRO B 123 -16.48 -4.94 -14.93
N ASN B 124 -15.42 -4.81 -15.74
CA ASN B 124 -15.54 -5.03 -17.17
C ASN B 124 -15.17 -6.47 -17.53
N VAL B 125 -16.13 -7.22 -18.04
CA VAL B 125 -15.91 -8.61 -18.39
C VAL B 125 -15.67 -8.78 -19.90
N ALA B 126 -14.76 -9.69 -20.24
CA ALA B 126 -14.41 -9.94 -21.64
C ALA B 126 -13.66 -11.27 -21.78
N ILE B 127 -14.16 -12.14 -22.64
CA ILE B 127 -13.55 -13.44 -22.86
C ILE B 127 -12.70 -13.42 -24.13
N SER B 128 -11.69 -14.29 -24.19
CA SER B 128 -10.79 -14.34 -25.34
C SER B 128 -10.07 -15.67 -25.41
N LEU B 129 -9.66 -16.06 -26.62
CA LEU B 129 -8.90 -17.29 -26.81
C LEU B 129 -7.39 -17.03 -26.78
N SER B 130 -6.72 -17.55 -25.75
CA SER B 130 -5.28 -17.35 -25.60
C SER B 130 -4.52 -17.82 -26.82
N THR B 140 -7.70 -22.35 -24.76
CA THR B 140 -7.93 -21.87 -23.40
C THR B 140 -8.52 -20.47 -23.39
N LEU B 141 -9.78 -20.36 -22.97
CA LEU B 141 -10.44 -19.07 -22.91
C LEU B 141 -10.13 -18.31 -21.63
N VAL B 142 -9.88 -17.01 -21.75
CA VAL B 142 -9.56 -16.18 -20.59
C VAL B 142 -10.65 -15.14 -20.33
N CYS B 143 -11.33 -15.29 -19.20
CA CYS B 143 -12.37 -14.35 -18.80
C CYS B 143 -11.74 -13.22 -17.99
N SER B 144 -11.70 -12.02 -18.58
CA SER B 144 -11.04 -10.89 -17.96
C SER B 144 -11.99 -9.97 -17.20
N VAL B 145 -11.92 -10.01 -15.88
CA VAL B 145 -12.68 -9.12 -15.02
C VAL B 145 -11.75 -8.03 -14.49
N THR B 146 -12.09 -6.76 -14.72
CA THR B 146 -11.17 -5.68 -14.40
C THR B 146 -11.82 -4.44 -13.80
N ASP B 147 -10.99 -3.59 -13.20
CA ASP B 147 -11.41 -2.28 -12.70
C ASP B 147 -12.64 -2.34 -11.82
N PHE B 148 -12.66 -3.28 -10.88
CA PHE B 148 -13.78 -3.40 -9.95
C PHE B 148 -13.37 -3.19 -8.49
N TYR B 149 -14.31 -2.68 -7.71
CA TYR B 149 -14.09 -2.42 -6.30
C TYR B 149 -15.42 -2.52 -5.58
N PRO B 150 -15.44 -3.12 -4.38
CA PRO B 150 -14.27 -3.66 -3.67
C PRO B 150 -13.75 -4.97 -4.26
N ALA B 151 -13.00 -5.71 -3.46
CA ALA B 151 -12.36 -6.95 -3.90
C ALA B 151 -13.35 -8.11 -3.91
N LYS B 152 -14.32 -8.08 -3.00
CA LYS B 152 -15.29 -9.17 -2.89
C LYS B 152 -16.00 -9.43 -4.20
N ILE B 153 -15.76 -10.60 -4.79
CA ILE B 153 -16.38 -10.96 -6.06
C ILE B 153 -16.38 -12.46 -6.28
N LYS B 154 -17.39 -12.96 -6.97
CA LYS B 154 -17.49 -14.39 -7.27
C LYS B 154 -17.78 -14.59 -8.76
N VAL B 155 -16.98 -15.44 -9.41
CA VAL B 155 -17.13 -15.68 -10.84
C VAL B 155 -17.24 -17.18 -11.15
N ARG B 156 -18.06 -17.53 -12.13
CA ARG B 156 -18.28 -18.93 -12.49
C ARG B 156 -18.34 -19.13 -14.01
N TRP B 157 -18.05 -20.34 -14.46
CA TRP B 157 -18.12 -20.69 -15.88
C TRP B 157 -19.36 -21.53 -16.20
N PHE B 158 -19.87 -21.37 -17.41
CA PHE B 158 -21.04 -22.13 -17.87
C PHE B 158 -20.78 -22.81 -19.22
N GLU B 164 -19.36 -25.95 -15.32
CA GLU B 164 -18.23 -26.86 -15.19
C GLU B 164 -17.49 -26.59 -13.89
N THR B 165 -16.74 -27.58 -13.42
CA THR B 165 -15.99 -27.44 -12.18
C THR B 165 -14.49 -27.59 -12.43
N VAL B 166 -14.15 -28.41 -13.41
CA VAL B 166 -12.75 -28.68 -13.75
C VAL B 166 -12.34 -27.95 -15.03
N GLY B 167 -11.06 -28.03 -15.36
CA GLY B 167 -10.52 -27.31 -16.49
C GLY B 167 -10.48 -25.82 -16.16
N VAL B 168 -10.67 -25.54 -14.87
CA VAL B 168 -10.73 -24.17 -14.38
C VAL B 168 -9.43 -23.80 -13.67
N SER B 169 -9.05 -22.53 -13.79
CA SER B 169 -7.84 -22.02 -13.15
C SER B 169 -7.83 -20.50 -13.19
N SER B 170 -7.87 -19.87 -12.03
CA SER B 170 -7.88 -18.41 -11.95
C SER B 170 -6.61 -17.86 -11.33
N THR B 171 -6.24 -16.65 -11.72
CA THR B 171 -5.10 -15.98 -11.11
C THR B 171 -5.54 -15.36 -9.79
N GLN B 172 -4.60 -15.23 -8.85
CA GLN B 172 -4.90 -14.60 -7.58
C GLN B 172 -5.41 -13.18 -7.82
N LEU B 173 -6.28 -12.70 -6.93
CA LEU B 173 -6.85 -11.37 -7.06
C LEU B 173 -5.75 -10.34 -7.23
N ILE B 174 -5.82 -9.53 -8.28
CA ILE B 174 -4.77 -8.57 -8.58
C ILE B 174 -5.12 -7.12 -8.19
N ARG B 175 -4.37 -6.59 -7.24
CA ARG B 175 -4.54 -5.21 -6.81
C ARG B 175 -3.81 -4.27 -7.76
N ASN B 176 -4.57 -3.42 -8.43
CA ASN B 176 -3.99 -2.49 -9.38
C ASN B 176 -3.30 -1.31 -8.70
N GLY B 177 -3.73 -1.01 -7.48
CA GLY B 177 -3.14 0.07 -6.73
C GLY B 177 -3.78 1.42 -6.99
N ASP B 178 -4.87 1.41 -7.74
CA ASP B 178 -5.62 2.63 -8.01
C ASP B 178 -7.05 2.45 -7.52
N TRP B 179 -7.21 1.61 -6.51
CA TRP B 179 -8.54 1.34 -5.95
C TRP B 179 -9.44 0.64 -6.96
N THR B 180 -8.85 -0.24 -7.76
CA THR B 180 -9.60 -1.16 -8.61
C THR B 180 -8.83 -2.46 -8.70
N PHE B 181 -9.56 -3.57 -8.78
CA PHE B 181 -8.93 -4.88 -8.86
C PHE B 181 -9.15 -5.50 -10.23
N GLN B 182 -8.57 -6.67 -10.41
CA GLN B 182 -8.77 -7.44 -11.63
C GLN B 182 -8.38 -8.88 -11.39
N VAL B 183 -9.04 -9.80 -12.07
CA VAL B 183 -8.74 -11.22 -11.97
C VAL B 183 -9.06 -11.92 -13.29
N LEU B 184 -8.24 -12.90 -13.66
CA LEU B 184 -8.42 -13.61 -14.92
C LEU B 184 -8.63 -15.10 -14.70
N VAL B 185 -9.83 -15.58 -15.02
CA VAL B 185 -10.14 -17.00 -14.88
C VAL B 185 -10.06 -17.72 -16.22
N MET B 186 -9.26 -18.78 -16.27
CA MET B 186 -9.04 -19.52 -17.51
C MET B 186 -9.92 -20.77 -17.59
N LEU B 187 -10.11 -21.27 -18.80
CA LEU B 187 -10.87 -22.50 -19.01
C LEU B 187 -10.19 -23.41 -20.02
N TYR B 197 -20.68 -20.37 -24.48
CA TYR B 197 -19.96 -20.30 -23.22
C TYR B 197 -20.16 -18.94 -22.55
N THR B 198 -20.78 -18.96 -21.38
CA THR B 198 -21.13 -17.73 -20.67
C THR B 198 -20.27 -17.52 -19.43
N CYS B 199 -19.94 -16.27 -19.16
CA CYS B 199 -19.15 -15.90 -17.98
C CYS B 199 -20.03 -15.18 -16.97
N HIS B 200 -20.34 -15.86 -15.87
CA HIS B 200 -21.20 -15.30 -14.84
C HIS B 200 -20.39 -14.63 -13.74
N VAL B 201 -20.73 -13.38 -13.44
CA VAL B 201 -19.99 -12.60 -12.44
C VAL B 201 -20.92 -11.90 -11.45
N GLU B 202 -20.74 -12.21 -10.17
CA GLU B 202 -21.55 -11.62 -9.11
C GLU B 202 -20.72 -10.68 -8.23
N HIS B 203 -20.90 -9.38 -8.45
CA HIS B 203 -20.17 -8.36 -7.71
C HIS B 203 -21.13 -7.32 -7.12
N PRO B 204 -20.88 -6.92 -5.87
CA PRO B 204 -21.70 -5.97 -5.10
C PRO B 204 -22.09 -4.72 -5.89
N SER B 205 -21.20 -4.21 -6.73
CA SER B 205 -21.43 -2.97 -7.46
C SER B 205 -22.56 -3.10 -8.49
N LEU B 206 -23.07 -4.32 -8.64
CA LEU B 206 -24.11 -4.58 -9.64
C LEU B 206 -25.45 -4.97 -9.02
N LYS B 207 -26.53 -4.54 -9.65
CA LYS B 207 -27.87 -4.95 -9.24
C LYS B 207 -28.12 -6.40 -9.61
N SER B 208 -27.90 -6.73 -10.88
CA SER B 208 -28.10 -8.08 -11.39
C SER B 208 -26.81 -8.62 -12.01
N PRO B 209 -26.37 -9.80 -11.56
CA PRO B 209 -25.17 -10.47 -12.08
C PRO B 209 -25.14 -10.47 -13.60
N ILE B 210 -24.10 -9.87 -14.18
CA ILE B 210 -24.01 -9.75 -15.64
C ILE B 210 -23.35 -10.97 -16.25
N THR B 211 -23.68 -11.24 -17.51
CA THR B 211 -23.14 -12.39 -18.22
C THR B 211 -22.57 -12.00 -19.58
N VAL B 212 -21.54 -12.73 -20.00
CA VAL B 212 -20.91 -12.49 -21.29
C VAL B 212 -20.68 -13.81 -22.02
N GLU B 213 -21.20 -13.91 -23.24
CA GLU B 213 -21.09 -15.14 -24.02
C GLU B 213 -19.91 -15.11 -24.98
N TRP B 214 -19.50 -16.29 -25.44
CA TRP B 214 -18.39 -16.42 -26.38
C TRP B 214 -18.83 -17.06 -27.69
C1 NAG C . 25.89 -2.15 21.24
C2 NAG C . 24.96 -3.36 21.42
C3 NAG C . 25.03 -4.01 22.80
C4 NAG C . 26.47 -4.11 23.29
C5 NAG C . 27.08 -2.72 23.26
C6 NAG C . 28.46 -2.66 23.90
C7 NAG C . 22.74 -3.77 20.51
C8 NAG C . 21.36 -3.89 21.10
N2 NAG C . 23.59 -2.97 21.16
O3 NAG C . 24.46 -5.31 22.75
O4 NAG C . 26.51 -4.63 24.60
O5 NAG C . 27.13 -2.25 21.92
O6 NAG C . 29.31 -3.66 23.35
O7 NAG C . 23.04 -4.38 19.50
N1 EPE D . 2.25 -8.03 -1.18
C2 EPE D . 2.64 -9.17 -2.03
C3 EPE D . 3.44 -10.17 -1.21
N4 EPE D . 4.50 -9.53 -0.45
C5 EPE D . 4.27 -8.25 0.15
C6 EPE D . 3.45 -7.32 -0.74
C7 EPE D . 5.54 -10.38 0.09
C8 EPE D . 6.64 -9.57 0.77
O8 EPE D . 7.33 -8.77 -0.16
C9 EPE D . 1.42 -7.11 -1.97
C10 EPE D . -0.05 -7.52 -1.81
S EPE D . -1.11 -6.51 -2.86
O1S EPE D . -2.31 -7.27 -3.23
O2S EPE D . -1.49 -5.30 -2.15
O3S EPE D . -0.38 -6.13 -4.09
#